data_8WZ6
#
_entry.id   8WZ6
#
_cell.length_a   130.547
_cell.length_b   130.547
_cell.length_c   115.473
_cell.angle_alpha   90.00
_cell.angle_beta   90.00
_cell.angle_gamma   120.00
#
_symmetry.space_group_name_H-M   'P 62 2 2'
#
loop_
_entity.id
_entity.type
_entity.pdbx_description
1 polymer Adenosylhomocysteinase
2 non-polymer NICOTINAMIDE-ADENINE-DINUCLEOTIDE
3 non-polymer DZNep
4 water water
#
_entity_poly.entity_id   1
_entity_poly.type   'polypeptide(L)'
_entity_poly.pdbx_seq_one_letter_code
;MGHHHHHHHHQDYKVAEISLADWGRKEIAIAETEMPGLMALREEFSAKKPLQGARIAGCLHMTIQTAVLIETLVALGAEV
RWSSCNIFSTQDHAASAIAAKGIPVFAWKGETEEEYWWCVEQTLSGPNGWTPNLLLDDGGDLTQVVHQKHPKLLTAIKGV
SEETTTGVARLYEMAKHGQLKIPAINVNNAVTKSKFDNLYGCRESLLDGLKRATDVMIAGKVALILGYGDVGKGCAQALR
GQGATVLVAEIDPICALQAAMEGYRVVTLDDVAEQVDIVVTATGNYHVVTHDHMKRMRNQAILCNIGHFDSEIDIQSLKQ
YQWENIKPQVDHVIFPDGKRIIILAEGRLVNLGCATGHPSFVMSASFTNQVLAQIELFQNSSQYQNQVYVLPKVLDEKVA
RLHLGRIGAKLTQLSNEQADYIGVDKNGPYKPDHYRY
;
_entity_poly.pdbx_strand_id   A
#
loop_
_chem_comp.id
_chem_comp.type
_chem_comp.name
_chem_comp.formula
NAD non-polymer NICOTINAMIDE-ADENINE-DINUCLEOTIDE 'C21 H27 N7 O14 P2'
XI6 non-polymer DZNep 'C12 H14 N4 O3'
#
# COMPACT_ATOMS: atom_id res chain seq x y z
N GLN A 11 7.11 3.89 -27.75
CA GLN A 11 8.49 3.61 -27.32
C GLN A 11 8.72 4.04 -25.88
N ASP A 12 7.97 5.06 -25.43
CA ASP A 12 8.19 5.64 -24.11
C ASP A 12 7.42 4.87 -23.05
N TYR A 13 7.66 3.56 -22.97
CA TYR A 13 7.14 2.72 -21.89
C TYR A 13 8.04 1.49 -21.81
N LYS A 14 7.75 0.62 -20.84
CA LYS A 14 8.42 -0.67 -20.79
C LYS A 14 7.58 -1.61 -19.93
N VAL A 15 6.92 -2.58 -20.57
CA VAL A 15 6.01 -3.53 -19.94
C VAL A 15 6.31 -4.92 -20.50
N ALA A 16 5.81 -5.94 -19.81
CA ALA A 16 6.15 -7.32 -20.20
C ALA A 16 5.55 -7.70 -21.56
N GLU A 17 4.25 -7.53 -21.74
CA GLU A 17 3.61 -7.88 -23.01
C GLU A 17 2.51 -6.86 -23.28
N ILE A 18 2.76 -5.96 -24.22
CA ILE A 18 1.78 -4.92 -24.55
C ILE A 18 0.47 -5.53 -25.04
N SER A 19 0.49 -6.76 -25.54
CA SER A 19 -0.73 -7.39 -26.03
C SER A 19 -1.72 -7.72 -24.91
N LEU A 20 -1.35 -7.57 -23.64
CA LEU A 20 -2.28 -7.77 -22.54
C LEU A 20 -3.21 -6.57 -22.32
N ALA A 21 -3.14 -5.54 -23.15
CA ALA A 21 -3.84 -4.29 -22.87
C ALA A 21 -5.36 -4.45 -22.91
N ASP A 22 -5.89 -5.30 -23.77
CA ASP A 22 -7.35 -5.41 -23.88
C ASP A 22 -7.94 -6.05 -22.64
N TRP A 23 -7.29 -7.08 -22.10
CA TRP A 23 -7.67 -7.67 -20.83
C TRP A 23 -7.56 -6.64 -19.71
N GLY A 24 -6.42 -5.94 -19.62
CA GLY A 24 -6.25 -4.93 -18.61
C GLY A 24 -7.35 -3.90 -18.68
N ARG A 25 -7.66 -3.45 -19.91
CA ARG A 25 -8.74 -2.52 -20.11
C ARG A 25 -10.08 -3.09 -19.66
N LYS A 26 -10.32 -4.38 -19.91
CA LYS A 26 -11.60 -4.94 -19.50
C LYS A 26 -11.73 -4.94 -17.98
N GLU A 27 -10.65 -5.22 -17.27
CA GLU A 27 -10.71 -5.16 -15.80
C GLU A 27 -10.70 -3.72 -15.28
N ILE A 28 -10.05 -2.78 -15.97
CA ILE A 28 -10.16 -1.39 -15.57
C ILE A 28 -11.62 -0.93 -15.64
N ALA A 29 -12.35 -1.41 -16.66
CA ALA A 29 -13.74 -1.02 -16.83
C ALA A 29 -14.59 -1.51 -15.65
N ILE A 30 -14.44 -2.77 -15.25
CA ILE A 30 -15.15 -3.24 -14.08
C ILE A 30 -14.74 -2.43 -12.85
N ALA A 31 -13.44 -2.16 -12.70
CA ALA A 31 -12.92 -1.52 -11.51
C ALA A 31 -13.52 -0.14 -11.30
N GLU A 32 -13.82 0.57 -12.39
CA GLU A 32 -14.42 1.88 -12.26
C GLU A 32 -15.75 1.79 -11.55
N THR A 33 -16.53 0.75 -11.84
CA THR A 33 -17.81 0.59 -11.17
C THR A 33 -17.62 0.29 -9.69
N GLU A 34 -16.39 -0.01 -9.26
CA GLU A 34 -16.10 -0.36 -7.88
C GLU A 34 -15.40 0.77 -7.14
N MET A 35 -15.06 1.86 -7.83
CA MET A 35 -14.23 2.93 -7.29
C MET A 35 -14.94 4.27 -7.42
N PRO A 36 -16.06 4.42 -6.71
CA PRO A 36 -16.93 5.61 -6.90
C PRO A 36 -16.24 6.89 -6.47
N GLY A 37 -15.32 6.82 -5.50
CA GLY A 37 -14.56 8.00 -5.14
C GLY A 37 -13.79 8.58 -6.32
N LEU A 38 -13.08 7.72 -7.04
CA LEU A 38 -12.32 8.22 -8.18
C LEU A 38 -13.26 8.72 -9.29
N MET A 39 -14.36 8.02 -9.59
CA MET A 39 -15.26 8.53 -10.63
C MET A 39 -15.93 9.83 -10.21
N ALA A 40 -16.30 9.96 -8.93
CA ALA A 40 -16.90 11.20 -8.50
C ALA A 40 -15.95 12.37 -8.68
N LEU A 41 -14.64 12.14 -8.53
CA LEU A 41 -13.67 13.23 -8.69
C LEU A 41 -13.50 13.61 -10.16
N ARG A 42 -13.52 12.64 -11.08
CA ARG A 42 -13.60 12.96 -12.50
C ARG A 42 -14.86 13.78 -12.82
N GLU A 43 -16.01 13.30 -12.38
CA GLU A 43 -17.24 14.07 -12.60
C GLU A 43 -17.09 15.50 -12.07
N GLU A 44 -16.52 15.66 -10.88
CA GLU A 44 -16.40 16.99 -10.30
C GLU A 44 -15.39 17.86 -11.06
N PHE A 45 -14.28 17.27 -11.55
CA PHE A 45 -13.08 18.04 -11.86
C PHE A 45 -12.55 17.88 -13.27
N SER A 46 -13.07 16.97 -14.08
CA SER A 46 -12.47 16.71 -15.38
C SER A 46 -12.57 17.91 -16.33
N ALA A 47 -13.62 18.73 -16.18
CA ALA A 47 -13.77 19.92 -17.03
C ALA A 47 -12.83 21.04 -16.61
N LYS A 48 -12.76 21.31 -15.30
CA LYS A 48 -11.96 22.40 -14.79
C LYS A 48 -10.47 22.07 -14.78
N LYS A 49 -10.12 20.81 -14.99
CA LYS A 49 -8.74 20.35 -15.11
C LYS A 49 -7.81 21.02 -14.08
N PRO A 50 -8.06 20.79 -12.78
CA PRO A 50 -7.24 21.47 -11.75
C PRO A 50 -5.81 20.97 -11.67
N LEU A 51 -5.45 19.92 -12.40
CA LEU A 51 -4.10 19.40 -12.42
C LEU A 51 -3.37 19.71 -13.73
N GLN A 52 -4.02 20.45 -14.62
CA GLN A 52 -3.35 20.94 -15.83
C GLN A 52 -2.07 21.69 -15.46
N GLY A 53 -0.97 21.26 -16.07
CA GLY A 53 0.35 21.71 -15.69
C GLY A 53 1.04 20.82 -14.67
N ALA A 54 0.33 19.86 -14.08
CA ALA A 54 0.94 18.95 -13.12
C ALA A 54 1.75 17.89 -13.86
N ARG A 55 2.97 17.63 -13.40
CA ARG A 55 3.86 16.62 -13.97
C ARG A 55 4.26 15.68 -12.83
N ILE A 56 3.56 14.54 -12.74
CA ILE A 56 3.61 13.67 -11.57
C ILE A 56 4.52 12.49 -11.87
N ALA A 57 5.54 12.31 -11.03
CA ALA A 57 6.33 11.08 -10.99
C ALA A 57 5.72 10.18 -9.93
N GLY A 58 5.29 9.00 -10.36
CA GLY A 58 4.60 8.04 -9.50
C GLY A 58 5.38 6.76 -9.27
N CYS A 59 5.44 6.32 -8.01
CA CYS A 59 6.16 5.10 -7.67
C CYS A 59 5.21 4.37 -6.71
N LEU A 60 4.38 3.50 -7.29
CA LEU A 60 3.29 2.87 -6.57
C LEU A 60 2.79 1.66 -7.35
N HIS A 61 2.66 0.54 -6.62
CA HIS A 61 2.30 -0.73 -7.21
C HIS A 61 1.33 -0.61 -8.38
N MET A 62 1.79 -0.97 -9.58
CA MET A 62 1.03 -0.84 -10.83
C MET A 62 0.07 -2.01 -10.99
N THR A 63 -1.08 -1.85 -10.39
CA THR A 63 -2.18 -2.80 -10.36
C THR A 63 -3.29 -2.26 -11.26
N ILE A 64 -4.35 -3.05 -11.39
CA ILE A 64 -5.57 -2.53 -12.00
C ILE A 64 -6.07 -1.31 -11.25
N GLN A 65 -5.92 -1.31 -9.92
CA GLN A 65 -6.44 -0.19 -9.14
C GLN A 65 -5.64 1.09 -9.45
N THR A 66 -4.32 0.96 -9.51
CA THR A 66 -3.48 2.12 -9.80
C THR A 66 -3.73 2.64 -11.20
N ALA A 67 -4.14 1.77 -12.11
CA ALA A 67 -4.59 2.25 -13.41
C ALA A 67 -5.71 3.27 -13.26
N VAL A 68 -6.76 2.93 -12.51
CA VAL A 68 -7.87 3.88 -12.36
C VAL A 68 -7.39 5.16 -11.70
N LEU A 69 -6.43 5.06 -10.76
CA LEU A 69 -5.80 6.26 -10.21
C LEU A 69 -5.13 7.07 -11.30
N ILE A 70 -4.25 6.44 -12.09
CA ILE A 70 -3.47 7.18 -13.08
C ILE A 70 -4.41 7.92 -14.03
N GLU A 71 -5.41 7.21 -14.55
CA GLU A 71 -6.30 7.83 -15.51
C GLU A 71 -7.16 8.90 -14.86
N THR A 72 -7.44 8.81 -13.56
CA THR A 72 -8.09 9.92 -12.89
C THR A 72 -7.18 11.16 -12.88
N LEU A 73 -5.91 10.98 -12.53
CA LEU A 73 -4.99 12.11 -12.56
C LEU A 73 -4.95 12.73 -13.94
N VAL A 74 -4.86 11.88 -14.98
CA VAL A 74 -4.81 12.38 -16.35
C VAL A 74 -6.09 13.15 -16.69
N ALA A 75 -7.24 12.59 -16.33
CA ALA A 75 -8.50 13.23 -16.67
C ALA A 75 -8.66 14.59 -15.98
N LEU A 76 -7.90 14.86 -14.91
CA LEU A 76 -7.93 16.16 -14.28
C LEU A 76 -6.84 17.09 -14.82
N GLY A 77 -6.16 16.70 -15.89
CA GLY A 77 -5.16 17.53 -16.53
C GLY A 77 -3.71 17.09 -16.34
N ALA A 78 -3.43 16.14 -15.46
CA ALA A 78 -2.04 15.84 -15.16
C ALA A 78 -1.38 15.07 -16.29
N GLU A 79 -0.08 15.21 -16.39
CA GLU A 79 0.78 14.31 -17.13
C GLU A 79 1.59 13.50 -16.12
N VAL A 80 1.72 12.18 -16.32
CA VAL A 80 2.38 11.34 -15.34
C VAL A 80 3.45 10.45 -15.98
N ARG A 81 4.38 9.99 -15.16
CA ARG A 81 5.31 8.94 -15.54
C ARG A 81 5.35 7.98 -14.35
N TRP A 82 5.12 6.69 -14.61
CA TRP A 82 4.81 5.76 -13.52
C TRP A 82 5.80 4.62 -13.47
N SER A 83 6.11 4.19 -12.23
CA SER A 83 6.86 2.96 -11.94
C SER A 83 6.18 2.26 -10.77
N SER A 84 6.49 1.00 -10.57
CA SER A 84 5.96 0.29 -9.39
C SER A 84 6.91 0.45 -8.21
N CYS A 85 6.36 0.39 -7.00
CA CYS A 85 7.22 0.43 -5.81
C CYS A 85 7.57 -0.98 -5.28
N ASN A 86 7.33 -2.02 -6.07
CA ASN A 86 7.76 -3.36 -5.66
C ASN A 86 7.97 -4.23 -6.88
N ILE A 87 8.99 -5.09 -6.81
CA ILE A 87 9.43 -5.85 -7.96
C ILE A 87 8.42 -6.92 -8.37
N PHE A 88 7.51 -7.30 -7.48
CA PHE A 88 6.53 -8.34 -7.77
C PHE A 88 5.09 -7.82 -7.83
N SER A 89 4.84 -6.54 -7.57
CA SER A 89 3.46 -6.14 -7.34
C SER A 89 2.73 -5.77 -8.60
N THR A 90 3.44 -5.47 -9.67
CA THR A 90 2.77 -5.07 -10.90
C THR A 90 1.80 -6.14 -11.40
N GLN A 91 0.67 -5.68 -11.93
CA GLN A 91 -0.22 -6.49 -12.78
C GLN A 91 0.10 -6.14 -14.23
N ASP A 92 0.68 -7.09 -14.95
CA ASP A 92 1.18 -6.79 -16.29
C ASP A 92 0.09 -6.27 -17.21
N HIS A 93 -1.11 -6.85 -17.13
CA HIS A 93 -2.18 -6.41 -18.01
C HIS A 93 -2.61 -4.99 -17.66
N ALA A 94 -2.52 -4.60 -16.39
CA ALA A 94 -2.76 -3.19 -16.05
C ALA A 94 -1.69 -2.28 -16.66
N ALA A 95 -0.41 -2.60 -16.43
CA ALA A 95 0.67 -1.83 -17.03
C ALA A 95 0.45 -1.65 -18.52
N SER A 96 0.13 -2.74 -19.20
CA SER A 96 -0.09 -2.67 -20.64
C SER A 96 -1.21 -1.70 -20.99
N ALA A 97 -2.36 -1.85 -20.35
CA ALA A 97 -3.48 -0.97 -20.68
C ALA A 97 -3.09 0.50 -20.56
N ILE A 98 -2.30 0.84 -19.55
CA ILE A 98 -1.83 2.21 -19.39
C ILE A 98 -0.86 2.57 -20.52
N ALA A 99 0.10 1.69 -20.82
CA ALA A 99 1.08 2.00 -21.86
C ALA A 99 0.40 2.20 -23.20
N ALA A 100 -0.60 1.37 -23.48
CA ALA A 100 -1.34 1.46 -24.73
C ALA A 100 -2.05 2.80 -24.84
N LYS A 101 -2.49 3.38 -23.73
CA LYS A 101 -3.07 4.72 -23.75
C LYS A 101 -2.04 5.81 -24.04
N GLY A 102 -0.77 5.46 -24.26
CA GLY A 102 0.27 6.45 -24.44
C GLY A 102 0.82 7.04 -23.15
N ILE A 103 0.53 6.43 -22.00
CA ILE A 103 1.02 6.93 -20.72
C ILE A 103 2.36 6.25 -20.39
N PRO A 104 3.43 7.02 -20.09
CA PRO A 104 4.70 6.36 -19.75
C PRO A 104 4.60 5.65 -18.40
N VAL A 105 4.72 4.33 -18.49
CA VAL A 105 4.76 3.44 -17.35
C VAL A 105 5.96 2.52 -17.59
N PHE A 106 6.68 2.20 -16.54
CA PHE A 106 7.87 1.36 -16.57
C PHE A 106 7.72 0.37 -15.41
N ALA A 107 7.19 -0.82 -15.72
CA ALA A 107 6.85 -1.71 -14.63
C ALA A 107 6.38 -3.07 -15.15
N TRP A 108 6.83 -4.13 -14.48
CA TRP A 108 6.42 -5.48 -14.81
C TRP A 108 6.63 -6.38 -13.60
N LYS A 109 5.85 -7.46 -13.56
CA LYS A 109 5.98 -8.43 -12.50
C LYS A 109 7.26 -9.23 -12.65
N GLY A 110 8.06 -9.29 -11.59
CA GLY A 110 9.31 -10.02 -11.65
C GLY A 110 10.54 -9.22 -12.02
N GLU A 111 10.63 -7.96 -11.57
CA GLU A 111 11.81 -7.13 -11.83
C GLU A 111 12.98 -7.59 -10.98
N THR A 112 14.19 -7.42 -11.51
CA THR A 112 15.36 -7.44 -10.64
C THR A 112 15.50 -6.09 -9.90
N GLU A 113 16.39 -6.07 -8.91
CA GLU A 113 16.63 -4.83 -8.17
C GLU A 113 17.18 -3.72 -9.07
N GLU A 114 18.16 -4.06 -9.92
CA GLU A 114 18.67 -3.11 -10.89
C GLU A 114 17.57 -2.57 -11.77
N GLU A 115 16.71 -3.45 -12.28
CA GLU A 115 15.63 -2.98 -13.14
C GLU A 115 14.67 -2.10 -12.37
N TYR A 116 14.32 -2.52 -11.16
CA TYR A 116 13.45 -1.72 -10.32
C TYR A 116 13.91 -0.28 -10.28
N TRP A 117 15.19 -0.05 -9.94
CA TRP A 117 15.69 1.31 -9.78
C TRP A 117 15.76 2.03 -11.12
N TRP A 118 16.01 1.29 -12.19
CA TRP A 118 15.97 1.89 -13.52
C TRP A 118 14.57 2.39 -13.83
N CYS A 119 13.55 1.59 -13.51
CA CYS A 119 12.17 2.02 -13.72
C CYS A 119 11.84 3.31 -12.97
N VAL A 120 12.23 3.40 -11.71
CA VAL A 120 12.03 4.65 -10.96
C VAL A 120 12.66 5.82 -11.71
N GLU A 121 13.96 5.71 -12.02
CA GLU A 121 14.67 6.79 -12.71
C GLU A 121 13.95 7.23 -13.97
N GLN A 122 13.28 6.29 -14.65
CA GLN A 122 12.63 6.63 -15.90
C GLN A 122 11.53 7.67 -15.72
N THR A 123 10.93 7.74 -14.53
CA THR A 123 9.87 8.70 -14.25
C THR A 123 10.42 10.09 -13.95
N LEU A 124 11.70 10.21 -13.64
CA LEU A 124 12.27 11.51 -13.32
C LEU A 124 12.67 12.31 -14.55
N SER A 125 12.79 11.64 -15.69
CA SER A 125 13.18 12.30 -16.94
C SER A 125 12.29 11.80 -18.06
N GLY A 126 11.65 12.73 -18.75
CA GLY A 126 10.85 12.41 -19.90
C GLY A 126 11.36 13.11 -21.16
N PRO A 127 10.85 12.72 -22.32
CA PRO A 127 11.25 13.40 -23.57
C PRO A 127 11.01 14.90 -23.48
N ASN A 128 11.80 15.67 -24.24
CA ASN A 128 11.58 17.12 -24.32
C ASN A 128 11.84 17.80 -22.97
N GLY A 129 12.81 17.29 -22.23
CA GLY A 129 13.08 17.88 -20.94
C GLY A 129 11.97 17.83 -19.91
N TRP A 130 11.02 16.91 -20.05
CA TRP A 130 10.03 16.67 -19.01
C TRP A 130 10.72 16.38 -17.67
N THR A 131 10.35 17.15 -16.66
CA THR A 131 10.73 16.87 -15.29
C THR A 131 9.48 16.96 -14.44
N PRO A 132 9.35 16.13 -13.41
CA PRO A 132 8.19 16.26 -12.53
C PRO A 132 8.28 17.51 -11.67
N ASN A 133 7.12 18.11 -11.41
CA ASN A 133 6.96 19.03 -10.29
C ASN A 133 6.19 18.40 -9.11
N LEU A 134 5.83 17.11 -9.19
CA LEU A 134 5.18 16.42 -8.08
C LEU A 134 5.63 14.96 -8.04
N LEU A 135 5.66 14.40 -6.81
CA LEU A 135 5.92 12.99 -6.56
C LEU A 135 4.74 12.33 -5.85
N LEU A 136 4.43 11.11 -6.26
CA LEU A 136 3.41 10.28 -5.61
C LEU A 136 4.07 8.95 -5.25
N ASP A 137 4.17 8.68 -3.97
CA ASP A 137 5.09 7.66 -3.48
C ASP A 137 4.38 6.71 -2.52
N ASP A 138 4.88 5.48 -2.49
CA ASP A 138 4.33 4.43 -1.64
C ASP A 138 5.53 3.63 -1.17
N GLY A 139 6.05 4.00 0.00
CA GLY A 139 7.16 3.32 0.62
C GLY A 139 8.38 4.18 0.75
N GLY A 140 8.40 5.34 0.07
CA GLY A 140 9.43 6.33 0.21
C GLY A 140 10.64 6.19 -0.71
N ASP A 141 10.66 5.17 -1.58
CA ASP A 141 11.83 5.00 -2.44
C ASP A 141 12.00 6.17 -3.41
N LEU A 142 10.94 6.54 -4.12
CA LEU A 142 11.06 7.67 -5.04
C LEU A 142 11.51 8.92 -4.27
N THR A 143 10.88 9.19 -3.13
CA THR A 143 11.31 10.32 -2.31
C THR A 143 12.81 10.27 -2.00
N GLN A 144 13.35 9.10 -1.68
CA GLN A 144 14.77 9.00 -1.37
C GLN A 144 15.65 9.25 -2.60
N VAL A 145 15.34 8.60 -3.71
CA VAL A 145 16.08 8.83 -4.95
C VAL A 145 16.21 10.33 -5.22
N VAL A 146 15.07 11.04 -5.26
CA VAL A 146 15.09 12.46 -5.61
C VAL A 146 15.94 13.23 -4.61
N HIS A 147 15.74 12.99 -3.30
CA HIS A 147 16.48 13.78 -2.31
C HIS A 147 17.97 13.50 -2.36
N GLN A 148 18.37 12.28 -2.67
CA GLN A 148 19.74 11.84 -2.47
C GLN A 148 20.56 11.81 -3.73
N LYS A 149 19.92 11.67 -4.90
CA LYS A 149 20.61 11.52 -6.17
C LYS A 149 20.24 12.56 -7.22
N HIS A 150 19.12 13.29 -7.07
CA HIS A 150 18.69 14.30 -8.05
C HIS A 150 18.29 15.58 -7.33
N PRO A 151 19.21 16.20 -6.59
CA PRO A 151 18.84 17.34 -5.75
C PRO A 151 18.54 18.61 -6.53
N LYS A 152 18.95 18.72 -7.79
CA LYS A 152 18.53 19.86 -8.61
C LYS A 152 17.05 19.78 -8.94
N LEU A 153 16.56 18.56 -9.17
CA LEU A 153 15.14 18.33 -9.34
C LEU A 153 14.35 18.74 -8.11
N LEU A 154 14.91 18.49 -6.93
CA LEU A 154 14.25 18.80 -5.67
C LEU A 154 13.67 20.21 -5.68
N THR A 155 14.41 21.17 -6.24
CA THR A 155 13.98 22.57 -6.13
C THR A 155 12.69 22.83 -6.89
N ALA A 156 12.43 22.12 -7.99
CA ALA A 156 11.19 22.29 -8.74
C ALA A 156 10.06 21.40 -8.25
N ILE A 157 10.27 20.59 -7.21
CA ILE A 157 9.21 19.73 -6.69
C ILE A 157 8.36 20.55 -5.73
N LYS A 158 7.04 20.61 -5.99
CA LYS A 158 6.11 21.25 -5.06
C LYS A 158 5.86 20.41 -3.80
N GLY A 159 5.92 19.08 -3.90
CA GLY A 159 5.72 18.24 -2.74
C GLY A 159 5.47 16.79 -3.13
N VAL A 160 5.40 15.93 -2.12
CA VAL A 160 5.13 14.52 -2.30
C VAL A 160 3.90 14.14 -1.48
N SER A 161 3.08 13.26 -2.04
CA SER A 161 2.02 12.58 -1.30
C SER A 161 2.41 11.11 -1.13
N GLU A 162 2.33 10.62 0.12
CA GLU A 162 2.88 9.32 0.48
C GLU A 162 1.80 8.38 0.98
N GLU A 163 1.81 7.15 0.45
CA GLU A 163 0.71 6.19 0.59
C GLU A 163 0.73 5.43 1.91
N THR A 164 1.90 5.06 2.48
CA THR A 164 1.92 3.96 3.43
C THR A 164 2.74 4.25 4.68
N THR A 165 2.47 3.44 5.72
CA THR A 165 3.06 3.67 7.05
C THR A 165 4.58 3.73 6.99
N THR A 166 5.18 2.82 6.22
CA THR A 166 6.64 2.79 6.14
C THR A 166 7.16 4.06 5.52
N GLY A 167 6.56 4.50 4.43
CA GLY A 167 7.01 5.74 3.81
C GLY A 167 6.84 6.92 4.73
N VAL A 168 5.77 6.91 5.53
CA VAL A 168 5.59 8.00 6.48
C VAL A 168 6.68 7.96 7.57
N ALA A 169 6.99 6.78 8.11
CA ALA A 169 8.11 6.70 9.05
C ALA A 169 9.38 7.34 8.49
N ARG A 170 9.70 7.02 7.23
CA ARG A 170 10.89 7.56 6.58
C ARG A 170 10.80 9.08 6.39
N LEU A 171 9.63 9.63 6.08
CA LEU A 171 9.48 11.08 6.04
C LEU A 171 9.79 11.69 7.39
N TYR A 172 9.22 11.10 8.45
CA TYR A 172 9.45 11.63 9.78
C TYR A 172 10.92 11.56 10.15
N GLU A 173 11.61 10.50 9.73
CA GLU A 173 13.03 10.38 10.03
C GLU A 173 13.81 11.50 9.34
N MET A 174 13.53 11.71 8.06
CA MET A 174 14.12 12.81 7.32
C MET A 174 13.88 14.16 8.01
N ALA A 175 12.63 14.41 8.41
CA ALA A 175 12.30 15.76 8.91
C ALA A 175 12.98 16.02 10.24
N LYS A 176 13.05 15.00 11.11
CA LYS A 176 13.76 15.12 12.37
C LYS A 176 15.20 15.63 12.20
N HIS A 177 15.88 15.26 11.12
CA HIS A 177 17.29 15.63 10.94
C HIS A 177 17.48 16.73 9.90
N GLY A 178 16.42 17.45 9.58
CA GLY A 178 16.54 18.50 8.60
C GLY A 178 16.78 18.01 7.20
N GLN A 179 16.42 16.77 6.90
CA GLN A 179 16.69 16.22 5.58
C GLN A 179 15.51 16.38 4.62
N LEU A 180 14.34 16.72 5.12
CA LEU A 180 13.13 16.84 4.29
C LEU A 180 13.14 18.21 3.60
N LYS A 181 13.22 18.22 2.26
CA LYS A 181 13.42 19.45 1.51
C LYS A 181 12.23 19.81 0.61
N ILE A 182 11.08 19.19 0.84
CA ILE A 182 9.84 19.52 0.13
C ILE A 182 8.66 19.27 1.05
N PRO A 183 7.49 19.89 0.84
CA PRO A 183 6.29 19.50 1.58
C PRO A 183 5.90 18.04 1.31
N ALA A 184 5.26 17.43 2.30
CA ALA A 184 4.78 16.06 2.15
C ALA A 184 3.41 15.91 2.77
N ILE A 185 2.49 15.31 2.03
CA ILE A 185 1.17 14.97 2.56
C ILE A 185 1.18 13.49 2.90
N ASN A 186 0.89 13.20 4.16
CA ASN A 186 0.78 11.85 4.68
C ASN A 186 -0.62 11.36 4.34
N VAL A 187 -0.73 10.56 3.28
CA VAL A 187 -2.04 10.04 2.93
C VAL A 187 -2.35 8.79 3.76
N ASN A 188 -1.33 8.07 4.23
CA ASN A 188 -1.63 6.86 5.00
C ASN A 188 -2.58 7.16 6.15
N ASN A 189 -2.40 8.32 6.79
CA ASN A 189 -3.09 8.63 8.03
C ASN A 189 -4.29 9.55 7.80
N ALA A 190 -4.79 9.60 6.58
CA ALA A 190 -6.20 9.87 6.39
C ALA A 190 -6.96 8.76 7.11
N VAL A 191 -8.06 9.10 7.75
CA VAL A 191 -8.83 8.03 8.39
C VAL A 191 -9.33 7.05 7.34
N THR A 192 -9.75 7.57 6.20
CA THR A 192 -10.28 6.75 5.12
C THR A 192 -9.19 6.05 4.38
N LYS A 193 -7.94 6.14 4.85
CA LYS A 193 -6.88 5.29 4.33
C LYS A 193 -6.54 4.24 5.38
N SER A 194 -5.83 4.65 6.43
CA SER A 194 -5.33 3.79 7.49
C SER A 194 -6.39 2.87 8.04
N LYS A 195 -7.59 3.39 8.32
CA LYS A 195 -8.60 2.57 9.01
C LYS A 195 -9.41 1.73 8.03
N PHE A 196 -9.06 1.74 6.75
CA PHE A 196 -9.85 1.02 5.78
C PHE A 196 -8.98 0.17 4.86
N ASP A 197 -8.12 0.79 4.06
CA ASP A 197 -7.10 0.04 3.32
C ASP A 197 -6.21 -0.84 4.22
N ASN A 198 -5.46 -0.24 5.14
CA ASN A 198 -4.53 -1.05 5.93
C ASN A 198 -5.26 -2.22 6.57
N LEU A 199 -6.51 -2.01 6.99
CA LEU A 199 -7.19 -2.97 7.84
C LEU A 199 -8.13 -3.91 7.06
N TYR A 200 -9.12 -3.33 6.36
CA TYR A 200 -10.09 -4.15 5.66
C TYR A 200 -9.51 -4.67 4.35
N GLY A 201 -8.55 -3.92 3.76
CA GLY A 201 -7.79 -4.37 2.61
C GLY A 201 -7.07 -5.69 2.92
N CYS A 202 -6.23 -5.67 3.95
CA CYS A 202 -5.46 -6.86 4.29
C CYS A 202 -6.34 -7.96 4.81
N ARG A 203 -7.49 -7.61 5.41
CA ARG A 203 -8.37 -8.66 5.90
C ARG A 203 -8.85 -9.57 4.77
N GLU A 204 -8.85 -9.07 3.53
CA GLU A 204 -9.16 -9.83 2.33
C GLU A 204 -7.93 -10.27 1.55
N SER A 205 -6.92 -9.42 1.39
CA SER A 205 -5.86 -9.74 0.45
C SER A 205 -4.74 -10.55 1.08
N LEU A 206 -4.63 -10.57 2.42
CA LEU A 206 -3.67 -11.49 3.04
C LEU A 206 -4.09 -12.93 2.72
N LEU A 207 -5.35 -13.23 3.01
CA LEU A 207 -5.94 -14.54 2.74
C LEU A 207 -5.81 -14.95 1.29
N ASP A 208 -6.09 -14.02 0.39
CA ASP A 208 -5.95 -14.24 -1.05
C ASP A 208 -4.53 -14.67 -1.44
N GLY A 209 -3.50 -13.96 -0.98
CA GLY A 209 -2.15 -14.37 -1.35
C GLY A 209 -1.80 -15.73 -0.78
N LEU A 210 -2.13 -15.96 0.50
CA LEU A 210 -1.83 -17.26 1.09
C LEU A 210 -2.45 -18.36 0.25
N LYS A 211 -3.71 -18.18 -0.15
CA LYS A 211 -4.43 -19.22 -0.88
C LYS A 211 -3.85 -19.44 -2.28
N ARG A 212 -3.65 -18.38 -3.05
CA ARG A 212 -3.17 -18.57 -4.41
C ARG A 212 -1.83 -19.29 -4.41
N ALA A 213 -1.00 -19.03 -3.39
CA ALA A 213 0.38 -19.46 -3.31
C ALA A 213 0.51 -20.90 -2.85
N THR A 214 -0.29 -21.30 -1.86
CA THR A 214 -0.15 -22.57 -1.18
C THR A 214 -1.44 -23.37 -1.06
N ASP A 215 -2.62 -22.77 -1.28
CA ASP A 215 -3.86 -23.52 -1.17
C ASP A 215 -3.99 -24.19 0.21
N VAL A 216 -3.37 -23.62 1.24
CA VAL A 216 -3.39 -24.20 2.59
C VAL A 216 -4.74 -23.97 3.26
N MET A 217 -5.16 -24.97 4.03
CA MET A 217 -6.38 -24.90 4.85
C MET A 217 -6.08 -24.00 6.03
N ILE A 218 -6.95 -23.02 6.26
CA ILE A 218 -6.72 -22.09 7.37
C ILE A 218 -7.30 -22.65 8.65
N ALA A 219 -8.44 -23.32 8.55
CA ALA A 219 -9.13 -23.92 9.68
C ALA A 219 -8.24 -24.91 10.41
N GLY A 220 -8.18 -24.72 11.73
CA GLY A 220 -7.39 -25.60 12.58
C GLY A 220 -5.91 -25.28 12.67
N LYS A 221 -5.38 -24.34 11.87
CA LYS A 221 -3.96 -24.03 11.85
C LYS A 221 -3.64 -23.05 12.97
N VAL A 222 -2.40 -23.08 13.44
CA VAL A 222 -1.91 -22.07 14.37
C VAL A 222 -1.18 -21.02 13.55
N ALA A 223 -1.72 -19.82 13.52
CA ALA A 223 -1.20 -18.74 12.70
C ALA A 223 -0.71 -17.65 13.63
N LEU A 224 0.46 -17.11 13.34
CA LEU A 224 1.02 -16.07 14.19
C LEU A 224 1.17 -14.83 13.35
N ILE A 225 0.58 -13.73 13.84
CA ILE A 225 0.71 -12.42 13.22
C ILE A 225 1.69 -11.63 14.07
N LEU A 226 2.77 -11.12 13.45
CA LEU A 226 3.70 -10.24 14.15
C LEU A 226 3.30 -8.80 13.90
N GLY A 227 2.91 -8.11 14.96
CA GLY A 227 2.45 -6.74 14.87
C GLY A 227 0.93 -6.74 14.81
N TYR A 228 0.30 -5.83 15.55
CA TYR A 228 -1.15 -5.67 15.64
C TYR A 228 -1.51 -4.22 15.46
N GLY A 229 -0.93 -3.61 14.46
CA GLY A 229 -1.32 -2.29 14.04
C GLY A 229 -2.50 -2.49 13.10
N ASP A 230 -2.68 -1.52 12.20
CA ASP A 230 -3.83 -1.57 11.29
C ASP A 230 -3.74 -2.78 10.39
N VAL A 231 -2.54 -3.09 9.91
CA VAL A 231 -2.40 -4.24 9.03
C VAL A 231 -2.57 -5.54 9.82
N GLY A 232 -1.81 -5.68 10.92
CA GLY A 232 -1.93 -6.88 11.76
C GLY A 232 -3.33 -7.15 12.26
N LYS A 233 -4.07 -6.09 12.62
CA LYS A 233 -5.46 -6.27 13.01
C LYS A 233 -6.29 -6.88 11.90
N GLY A 234 -6.15 -6.40 10.67
CA GLY A 234 -6.92 -7.00 9.58
C GLY A 234 -6.50 -8.44 9.34
N CYS A 235 -5.18 -8.72 9.36
CA CYS A 235 -4.71 -10.10 9.14
C CYS A 235 -5.27 -11.05 10.18
N ALA A 236 -5.28 -10.62 11.43
CA ALA A 236 -5.78 -11.48 12.49
C ALA A 236 -7.24 -11.86 12.25
N GLN A 237 -8.07 -10.85 12.05
CA GLN A 237 -9.49 -11.11 11.77
C GLN A 237 -9.66 -12.01 10.56
N ALA A 238 -8.83 -11.82 9.54
CA ALA A 238 -8.98 -12.62 8.34
C ALA A 238 -8.84 -14.11 8.65
N LEU A 239 -7.76 -14.48 9.34
CA LEU A 239 -7.48 -15.88 9.66
C LEU A 239 -8.40 -16.44 10.74
N ARG A 240 -8.75 -15.64 11.76
CA ARG A 240 -9.75 -16.06 12.74
C ARG A 240 -11.10 -16.38 12.07
N GLY A 241 -11.56 -15.56 11.15
CA GLY A 241 -12.81 -15.89 10.48
C GLY A 241 -12.80 -17.26 9.83
N GLN A 242 -11.63 -17.73 9.41
CA GLN A 242 -11.59 -19.03 8.73
C GLN A 242 -11.24 -20.20 9.65
N GLY A 243 -11.21 -19.99 10.97
CA GLY A 243 -11.07 -21.10 11.90
C GLY A 243 -9.67 -21.37 12.37
N ALA A 244 -8.75 -20.41 12.21
CA ALA A 244 -7.39 -20.55 12.66
C ALA A 244 -7.37 -20.13 14.11
N THR A 245 -6.57 -20.81 14.91
CA THR A 245 -6.08 -20.26 16.16
C THR A 245 -5.06 -19.20 15.82
N VAL A 246 -5.32 -17.98 16.25
CA VAL A 246 -4.50 -16.84 15.88
C VAL A 246 -3.75 -16.35 17.10
N LEU A 247 -2.41 -16.28 16.95
CA LEU A 247 -1.46 -15.72 17.91
C LEU A 247 -0.97 -14.36 17.42
N VAL A 248 -0.65 -13.48 18.34
CA VAL A 248 -0.21 -12.12 18.02
C VAL A 248 1.05 -11.80 18.81
N ALA A 249 2.02 -11.16 18.14
CA ALA A 249 3.18 -10.60 18.84
C ALA A 249 3.18 -9.09 18.70
N GLU A 250 3.57 -8.42 19.78
CA GLU A 250 3.58 -6.98 19.77
C GLU A 250 4.64 -6.47 20.74
N ILE A 251 5.14 -5.28 20.43
CA ILE A 251 6.14 -4.57 21.29
C ILE A 251 5.45 -3.37 21.94
N ASP A 252 4.24 -3.05 21.48
CA ASP A 252 3.45 -1.90 22.01
C ASP A 252 2.45 -2.46 23.02
N PRO A 253 2.47 -2.03 24.29
CA PRO A 253 1.55 -2.55 25.28
C PRO A 253 0.08 -2.24 24.96
N ILE A 254 -0.19 -1.09 24.33
CA ILE A 254 -1.59 -0.77 24.01
C ILE A 254 -2.11 -1.71 22.93
N CYS A 255 -1.34 -1.91 21.87
CA CYS A 255 -1.82 -2.80 20.83
C CYS A 255 -1.88 -4.21 21.33
N ALA A 256 -0.93 -4.62 22.18
CA ALA A 256 -1.02 -5.93 22.80
C ALA A 256 -2.33 -6.11 23.58
N LEU A 257 -2.67 -5.12 24.37
CA LEU A 257 -3.89 -5.23 25.14
C LEU A 257 -5.10 -5.32 24.22
N GLN A 258 -5.09 -4.58 23.11
CA GLN A 258 -6.24 -4.68 22.19
C GLN A 258 -6.39 -6.10 21.71
N ALA A 259 -5.29 -6.72 21.30
CA ALA A 259 -5.35 -8.10 20.83
C ALA A 259 -5.84 -9.07 21.90
N ALA A 260 -5.31 -8.98 23.11
CA ALA A 260 -5.83 -9.81 24.18
C ALA A 260 -7.33 -9.59 24.39
N MET A 261 -7.80 -8.35 24.29
CA MET A 261 -9.20 -8.17 24.58
C MET A 261 -10.08 -8.67 23.46
N GLU A 262 -9.49 -9.06 22.32
CA GLU A 262 -10.25 -9.68 21.25
C GLU A 262 -10.08 -11.17 21.30
N GLY A 263 -9.37 -11.67 22.32
CA GLY A 263 -9.24 -13.09 22.53
C GLY A 263 -8.06 -13.72 21.83
N TYR A 264 -7.08 -12.93 21.41
CA TYR A 264 -5.84 -13.47 20.89
C TYR A 264 -4.84 -13.64 22.04
N ARG A 265 -4.17 -14.78 22.06
CA ARG A 265 -3.01 -14.92 22.95
C ARG A 265 -1.87 -14.10 22.37
N VAL A 266 -1.27 -13.29 23.23
CA VAL A 266 -0.14 -12.44 22.89
C VAL A 266 1.14 -13.11 23.39
N VAL A 267 2.01 -13.46 22.45
CA VAL A 267 3.14 -14.34 22.66
C VAL A 267 4.35 -13.79 21.90
N THR A 268 5.52 -14.33 22.21
CA THR A 268 6.71 -14.02 21.42
C THR A 268 7.01 -15.17 20.45
N LEU A 269 7.56 -14.81 19.29
CA LEU A 269 8.04 -15.84 18.36
C LEU A 269 9.21 -16.62 18.95
N ASP A 270 9.99 -15.97 19.84
CA ASP A 270 11.04 -16.70 20.55
C ASP A 270 10.49 -17.92 21.25
N ASP A 271 9.34 -17.76 21.92
CA ASP A 271 8.72 -18.86 22.65
C ASP A 271 8.02 -19.83 21.72
N VAL A 272 7.34 -19.37 20.66
CA VAL A 272 6.35 -20.23 20.01
C VAL A 272 6.82 -20.74 18.65
N ALA A 273 8.09 -20.55 18.26
CA ALA A 273 8.45 -20.83 16.87
C ALA A 273 8.13 -22.27 16.42
N GLU A 274 8.19 -23.24 17.33
CA GLU A 274 7.94 -24.63 16.97
C GLU A 274 6.45 -24.94 16.86
N GLN A 275 5.59 -24.07 17.34
CA GLN A 275 4.18 -24.40 17.36
C GLN A 275 3.38 -23.84 16.19
N VAL A 276 3.93 -22.98 15.34
CA VAL A 276 3.13 -22.23 14.37
C VAL A 276 3.13 -22.95 13.03
N ASP A 277 1.98 -22.90 12.36
CA ASP A 277 1.84 -23.39 10.99
C ASP A 277 2.06 -22.30 9.95
N ILE A 278 1.69 -21.08 10.30
CA ILE A 278 1.73 -19.92 9.42
C ILE A 278 2.25 -18.72 10.20
N VAL A 279 3.14 -17.96 9.58
CA VAL A 279 3.70 -16.74 10.17
C VAL A 279 3.55 -15.60 9.19
N VAL A 280 2.99 -14.48 9.66
CA VAL A 280 2.78 -13.29 8.85
C VAL A 280 3.46 -12.15 9.59
N THR A 281 4.46 -11.56 8.95
CA THR A 281 5.04 -10.33 9.48
C THR A 281 4.29 -9.08 8.99
N ALA A 282 3.94 -8.23 9.95
CA ALA A 282 3.14 -7.05 9.70
C ALA A 282 3.62 -5.91 10.59
N THR A 283 4.94 -5.79 10.78
CA THR A 283 5.45 -4.85 11.76
C THR A 283 6.03 -3.58 11.17
N GLY A 284 6.35 -3.57 9.89
CA GLY A 284 7.16 -2.51 9.31
C GLY A 284 8.53 -2.41 9.94
N ASN A 285 9.01 -3.46 10.57
CA ASN A 285 10.29 -3.44 11.26
C ASN A 285 11.27 -4.40 10.61
N TYR A 286 12.37 -4.66 11.32
CA TYR A 286 13.55 -5.27 10.72
C TYR A 286 13.91 -6.57 11.42
N HIS A 287 14.00 -7.65 10.66
CA HIS A 287 14.38 -8.97 11.16
C HIS A 287 13.58 -9.36 12.39
N VAL A 288 12.25 -9.22 12.31
CA VAL A 288 11.43 -9.76 13.38
C VAL A 288 11.30 -11.28 13.26
N VAL A 289 11.69 -11.86 12.11
CA VAL A 289 11.83 -13.31 11.91
C VAL A 289 13.30 -13.60 11.53
N THR A 290 14.00 -14.32 12.41
CA THR A 290 15.43 -14.57 12.29
C THR A 290 15.72 -16.02 11.88
N HIS A 291 16.99 -16.30 11.59
CA HIS A 291 17.35 -17.66 11.18
C HIS A 291 16.89 -18.71 12.18
N ASP A 292 17.22 -18.53 13.46
CA ASP A 292 16.88 -19.53 14.45
C ASP A 292 15.36 -19.75 14.55
N HIS A 293 14.56 -18.71 14.29
CA HIS A 293 13.11 -18.92 14.30
C HIS A 293 12.72 -19.92 13.22
N MET A 294 13.26 -19.75 12.01
CA MET A 294 12.83 -20.60 10.89
C MET A 294 13.39 -21.99 11.03
N LYS A 295 14.65 -22.11 11.46
CA LYS A 295 15.19 -23.44 11.75
C LYS A 295 14.29 -24.18 12.73
N ARG A 296 13.73 -23.46 13.70
CA ARG A 296 12.85 -24.08 14.68
C ARG A 296 11.48 -24.45 14.12
N MET A 297 11.16 -24.03 12.91
CA MET A 297 9.78 -24.16 12.45
C MET A 297 9.52 -25.58 11.96
N ARG A 298 8.28 -26.02 12.11
CA ARG A 298 7.90 -27.36 11.65
C ARG A 298 8.06 -27.45 10.13
N ASN A 299 8.14 -28.70 9.65
CA ASN A 299 8.20 -29.00 8.22
C ASN A 299 6.95 -28.47 7.49
N GLN A 300 7.15 -27.78 6.37
CA GLN A 300 6.11 -27.15 5.56
C GLN A 300 5.49 -25.93 6.24
N ALA A 301 6.08 -25.43 7.31
CA ALA A 301 5.60 -24.17 7.86
C ALA A 301 5.65 -23.12 6.76
N ILE A 302 4.59 -22.31 6.70
CA ILE A 302 4.44 -21.27 5.67
C ILE A 302 4.83 -19.94 6.27
N LEU A 303 5.68 -19.19 5.56
CA LEU A 303 6.17 -17.92 6.09
C LEU A 303 6.01 -16.82 5.06
N CYS A 304 5.42 -15.70 5.47
CA CYS A 304 5.23 -14.60 4.54
C CYS A 304 5.30 -13.27 5.28
N ASN A 305 5.54 -12.22 4.49
CA ASN A 305 5.55 -10.84 4.95
C ASN A 305 4.50 -10.02 4.21
N ILE A 306 3.80 -9.19 4.95
CA ILE A 306 2.85 -8.27 4.36
C ILE A 306 3.22 -6.83 4.62
N GLY A 307 4.28 -6.57 5.34
CA GLY A 307 4.66 -5.18 5.49
C GLY A 307 5.34 -4.72 4.22
N HIS A 308 5.72 -3.44 4.20
CA HIS A 308 6.12 -2.86 2.93
C HIS A 308 7.41 -3.44 2.39
N PHE A 309 8.40 -3.73 3.24
CA PHE A 309 9.70 -4.20 2.79
C PHE A 309 9.99 -5.65 3.22
N ASP A 310 10.79 -6.35 2.43
CA ASP A 310 11.07 -7.75 2.75
C ASP A 310 12.06 -7.93 3.90
N SER A 311 12.61 -6.84 4.44
CA SER A 311 13.57 -6.98 5.53
C SER A 311 12.94 -7.34 6.87
N GLU A 312 11.60 -7.39 6.97
CA GLU A 312 10.94 -8.00 8.13
C GLU A 312 11.48 -9.40 8.39
N ILE A 313 11.88 -10.10 7.33
CA ILE A 313 12.44 -11.45 7.44
C ILE A 313 13.89 -11.45 6.98
N ASP A 314 14.76 -12.15 7.73
CA ASP A 314 16.17 -12.29 7.36
C ASP A 314 16.29 -13.34 6.26
N ILE A 315 15.92 -12.95 5.04
CA ILE A 315 16.02 -13.86 3.91
C ILE A 315 17.46 -14.18 3.59
N GLN A 316 18.37 -13.24 3.88
CA GLN A 316 19.80 -13.44 3.64
C GLN A 316 20.29 -14.69 4.35
N SER A 317 19.79 -14.92 5.55
CA SER A 317 20.19 -16.05 6.38
C SER A 317 19.84 -17.39 5.77
N LEU A 318 19.13 -17.37 4.65
CA LEU A 318 18.70 -18.59 3.98
C LEU A 318 19.44 -18.85 2.68
N LYS A 319 20.21 -17.88 2.18
CA LYS A 319 21.02 -18.15 0.99
C LYS A 319 21.90 -19.37 1.23
N GLN A 320 22.20 -19.67 2.52
CA GLN A 320 23.04 -20.81 2.88
C GLN A 320 22.50 -22.11 2.27
N TYR A 321 21.21 -22.33 2.39
CA TYR A 321 20.56 -23.58 2.04
C TYR A 321 20.17 -23.62 0.56
N GLN A 322 19.73 -24.79 0.14
CA GLN A 322 19.14 -24.96 -1.17
C GLN A 322 17.72 -24.43 -1.22
N TRP A 323 17.40 -23.79 -2.36
CA TRP A 323 16.08 -23.23 -2.65
C TRP A 323 15.50 -23.95 -3.86
N GLU A 324 14.36 -24.61 -3.65
CA GLU A 324 13.66 -25.34 -4.70
C GLU A 324 12.35 -24.61 -4.99
N ASN A 325 12.22 -24.13 -6.22
CA ASN A 325 11.02 -23.44 -6.65
C ASN A 325 9.84 -24.41 -6.80
N ILE A 326 8.67 -23.97 -6.36
CA ILE A 326 7.42 -24.71 -6.52
C ILE A 326 6.60 -24.17 -7.68
N LYS A 327 6.34 -22.86 -7.65
CA LYS A 327 5.81 -22.09 -8.78
C LYS A 327 6.25 -20.65 -8.55
N PRO A 328 6.01 -19.76 -9.52
CA PRO A 328 6.49 -18.37 -9.33
C PRO A 328 6.06 -17.82 -7.97
N GLN A 329 7.03 -17.27 -7.24
CA GLN A 329 6.88 -16.58 -5.97
C GLN A 329 6.48 -17.50 -4.82
N VAL A 330 6.57 -18.82 -5.02
CA VAL A 330 6.39 -19.82 -3.96
C VAL A 330 7.60 -20.75 -3.94
N ASP A 331 8.34 -20.74 -2.84
CA ASP A 331 9.58 -21.49 -2.81
C ASP A 331 9.71 -22.34 -1.56
N HIS A 332 10.41 -23.46 -1.74
CA HIS A 332 10.92 -24.25 -0.63
C HIS A 332 12.37 -23.86 -0.36
N VAL A 333 12.72 -23.74 0.92
CA VAL A 333 14.12 -23.75 1.33
C VAL A 333 14.29 -24.97 2.24
N ILE A 334 15.26 -25.83 1.90
CA ILE A 334 15.49 -27.10 2.57
C ILE A 334 16.61 -26.91 3.57
N PHE A 335 16.33 -27.24 4.82
CA PHE A 335 17.33 -27.21 5.87
C PHE A 335 18.18 -28.48 5.84
N PRO A 336 19.34 -28.44 6.47
CA PRO A 336 20.26 -29.62 6.41
C PRO A 336 19.62 -30.94 6.81
N ASP A 337 18.81 -30.96 7.88
CA ASP A 337 18.09 -32.16 8.30
C ASP A 337 16.90 -32.51 7.34
N GLY A 338 16.77 -31.90 6.15
CA GLY A 338 15.71 -32.20 5.22
C GLY A 338 14.38 -31.48 5.46
N LYS A 339 14.19 -30.80 6.58
CA LYS A 339 12.93 -30.12 6.81
C LYS A 339 12.85 -28.90 5.89
N ARG A 340 11.62 -28.57 5.46
CA ARG A 340 11.38 -27.52 4.49
C ARG A 340 10.44 -26.45 5.06
N ILE A 341 10.72 -25.20 4.71
CA ILE A 341 9.76 -24.13 4.92
C ILE A 341 9.36 -23.54 3.57
N ILE A 342 8.15 -23.04 3.52
CA ILE A 342 7.59 -22.40 2.34
C ILE A 342 7.69 -20.90 2.54
N ILE A 343 8.41 -20.22 1.66
CA ILE A 343 8.56 -18.78 1.71
C ILE A 343 7.83 -18.17 0.51
N LEU A 344 6.98 -17.19 0.79
CA LEU A 344 6.16 -16.58 -0.26
C LEU A 344 6.80 -15.30 -0.79
N ALA A 345 6.98 -15.25 -2.10
CA ALA A 345 7.46 -14.06 -2.81
C ALA A 345 8.79 -13.56 -2.23
N GLU A 346 9.64 -14.48 -1.84
CA GLU A 346 10.95 -14.16 -1.22
C GLU A 346 10.86 -13.11 -0.12
N GLY A 347 9.76 -13.08 0.62
CA GLY A 347 9.63 -12.13 1.68
C GLY A 347 9.02 -10.80 1.31
N ARG A 348 8.70 -10.59 0.03
CA ARG A 348 8.03 -9.35 -0.43
C ARG A 348 6.54 -9.40 -0.03
N LEU A 349 5.83 -8.26 -0.02
CA LEU A 349 4.42 -8.27 0.47
C LEU A 349 3.62 -9.28 -0.34
N VAL A 350 3.04 -10.23 0.39
CA VAL A 350 2.36 -11.44 -0.17
C VAL A 350 1.02 -11.10 -0.81
N ASN A 351 0.34 -10.04 -0.38
CA ASN A 351 -0.95 -9.84 -1.01
C ASN A 351 -0.79 -9.40 -2.47
N LEU A 352 0.19 -8.52 -2.72
CA LEU A 352 0.49 -8.02 -4.05
C LEU A 352 1.45 -8.91 -4.82
N GLY A 353 2.28 -9.69 -4.10
CA GLY A 353 3.25 -10.58 -4.70
C GLY A 353 2.69 -11.91 -5.18
N CYS A 354 1.76 -12.49 -4.41
CA CYS A 354 1.16 -13.79 -4.72
C CYS A 354 -0.31 -13.67 -5.05
N ALA A 355 -0.90 -12.49 -4.89
CA ALA A 355 -2.25 -12.21 -5.32
C ALA A 355 -2.28 -10.83 -5.97
N THR A 356 -3.34 -10.06 -5.79
CA THR A 356 -3.48 -8.81 -6.53
C THR A 356 -3.55 -7.61 -5.63
N GLY A 357 -3.25 -7.78 -4.35
CA GLY A 357 -3.41 -6.68 -3.42
C GLY A 357 -4.88 -6.50 -3.07
N HIS A 358 -5.18 -5.33 -2.50
CA HIS A 358 -6.53 -5.05 -2.04
C HIS A 358 -7.50 -4.95 -3.22
N PRO A 359 -8.79 -5.16 -2.98
CA PRO A 359 -9.78 -5.00 -4.04
C PRO A 359 -10.04 -3.54 -4.33
N SER A 360 -10.64 -3.31 -5.50
CA SER A 360 -10.77 -1.96 -6.04
C SER A 360 -11.55 -1.05 -5.10
N PHE A 361 -12.59 -1.56 -4.43
CA PHE A 361 -13.44 -0.64 -3.64
C PHE A 361 -12.64 0.12 -2.58
N VAL A 362 -11.76 -0.58 -1.86
CA VAL A 362 -11.04 0.07 -0.76
C VAL A 362 -9.87 0.91 -1.30
N MET A 363 -9.24 0.46 -2.39
CA MET A 363 -8.24 1.27 -3.06
C MET A 363 -8.84 2.58 -3.57
N SER A 364 -10.14 2.62 -3.82
CA SER A 364 -10.74 3.87 -4.23
C SER A 364 -10.68 4.89 -3.10
N ALA A 365 -10.91 4.44 -1.86
CA ALA A 365 -10.78 5.34 -0.71
C ALA A 365 -9.36 5.87 -0.60
N SER A 366 -8.39 4.96 -0.68
CA SER A 366 -7.00 5.34 -0.56
C SER A 366 -6.64 6.34 -1.65
N PHE A 367 -7.08 6.06 -2.87
CA PHE A 367 -6.63 6.78 -4.04
C PHE A 367 -7.40 8.08 -4.23
N THR A 368 -8.63 8.17 -3.72
CA THR A 368 -9.33 9.44 -3.69
C THR A 368 -8.59 10.42 -2.79
N ASN A 369 -8.04 9.94 -1.67
CA ASN A 369 -7.16 10.80 -0.89
C ASN A 369 -5.92 11.23 -1.67
N GLN A 370 -5.29 10.31 -2.40
CA GLN A 370 -4.12 10.66 -3.19
C GLN A 370 -4.44 11.80 -4.15
N VAL A 371 -5.50 11.66 -4.96
CA VAL A 371 -5.83 12.71 -5.92
C VAL A 371 -6.00 14.04 -5.22
N LEU A 372 -6.75 14.04 -4.11
CA LEU A 372 -6.99 15.29 -3.41
C LEU A 372 -5.68 15.87 -2.87
N ALA A 373 -4.78 15.00 -2.44
CA ALA A 373 -3.47 15.45 -1.97
C ALA A 373 -2.69 16.09 -3.10
N GLN A 374 -2.74 15.49 -4.29
CA GLN A 374 -2.08 16.07 -5.44
C GLN A 374 -2.70 17.41 -5.85
N ILE A 375 -4.03 17.53 -5.80
CA ILE A 375 -4.62 18.82 -6.14
C ILE A 375 -4.15 19.88 -5.14
N GLU A 376 -4.13 19.52 -3.86
CA GLU A 376 -3.75 20.48 -2.82
C GLU A 376 -2.29 20.93 -2.95
N LEU A 377 -1.38 20.00 -3.26
CA LEU A 377 0.03 20.38 -3.41
C LEU A 377 0.25 21.22 -4.67
N PHE A 378 -0.18 20.73 -5.82
CA PHE A 378 -0.10 21.54 -7.05
C PHE A 378 -0.62 22.97 -6.83
N GLN A 379 -1.78 23.11 -6.20
CA GLN A 379 -2.41 24.42 -6.12
C GLN A 379 -1.81 25.28 -5.01
N ASN A 380 -1.64 24.72 -3.81
CA ASN A 380 -1.29 25.54 -2.65
C ASN A 380 0.03 25.12 -1.99
N SER A 381 0.96 24.55 -2.74
CA SER A 381 2.17 24.07 -2.06
C SER A 381 2.90 25.23 -1.36
N SER A 382 2.83 26.44 -1.93
CA SER A 382 3.53 27.56 -1.31
C SER A 382 3.03 27.85 0.11
N GLN A 383 1.78 27.47 0.44
CA GLN A 383 1.24 27.63 1.79
C GLN A 383 1.84 26.62 2.78
N TYR A 384 2.77 25.77 2.35
CA TYR A 384 3.28 24.68 3.18
C TYR A 384 4.78 24.79 3.35
N GLN A 385 5.26 24.32 4.50
CA GLN A 385 6.68 24.21 4.76
C GLN A 385 7.16 22.77 4.56
N ASN A 386 8.46 22.57 4.74
CA ASN A 386 9.12 21.30 4.44
C ASN A 386 8.97 20.34 5.62
N GLN A 387 7.71 19.98 5.87
CA GLN A 387 7.28 19.13 6.96
C GLN A 387 6.22 18.16 6.42
N VAL A 388 5.66 17.33 7.31
CA VAL A 388 4.62 16.36 6.97
C VAL A 388 3.28 16.89 7.44
N TYR A 389 2.29 16.83 6.55
CA TYR A 389 0.94 17.32 6.81
C TYR A 389 -0.02 16.17 6.55
N VAL A 390 -1.24 16.30 7.07
CA VAL A 390 -2.38 15.48 6.68
C VAL A 390 -3.41 16.43 6.07
N LEU A 391 -4.31 15.85 5.26
CA LEU A 391 -5.44 16.60 4.73
C LEU A 391 -6.47 16.86 5.85
N PRO A 392 -7.19 17.98 5.75
CA PRO A 392 -8.19 18.31 6.78
C PRO A 392 -9.29 17.27 6.87
N LYS A 393 -10.00 17.29 8.00
CA LYS A 393 -11.02 16.27 8.23
C LYS A 393 -12.21 16.38 7.27
N VAL A 394 -12.59 17.59 6.87
CA VAL A 394 -13.71 17.72 5.94
C VAL A 394 -13.44 16.97 4.62
N LEU A 395 -12.17 16.90 4.20
CA LEU A 395 -11.89 16.08 3.01
C LEU A 395 -11.89 14.59 3.30
N ASP A 396 -11.36 14.19 4.46
CA ASP A 396 -11.49 12.82 4.94
C ASP A 396 -12.95 12.39 4.89
N GLU A 397 -13.83 13.21 5.46
CA GLU A 397 -15.26 12.93 5.45
C GLU A 397 -15.82 12.91 4.05
N LYS A 398 -15.36 13.83 3.20
CA LYS A 398 -15.79 13.78 1.81
C LYS A 398 -15.48 12.43 1.19
N VAL A 399 -14.25 11.91 1.42
CA VAL A 399 -13.86 10.64 0.82
C VAL A 399 -14.86 9.54 1.21
N ALA A 400 -15.24 9.51 2.49
CA ALA A 400 -16.18 8.47 2.93
C ALA A 400 -17.54 8.68 2.30
N ARG A 401 -17.99 9.93 2.23
CA ARG A 401 -19.29 10.22 1.62
C ARG A 401 -19.38 9.62 0.23
N LEU A 402 -18.32 9.78 -0.58
CA LEU A 402 -18.34 9.31 -1.96
C LEU A 402 -18.43 7.79 -2.06
N HIS A 403 -18.23 7.06 -0.97
CA HIS A 403 -18.27 5.61 -1.08
C HIS A 403 -19.52 5.01 -0.48
N LEU A 404 -20.39 5.83 0.11
CA LEU A 404 -21.54 5.31 0.84
C LEU A 404 -22.59 4.79 -0.12
N GLY A 405 -22.82 5.54 -1.20
CA GLY A 405 -23.81 5.15 -2.19
C GLY A 405 -23.55 3.76 -2.74
N ARG A 406 -22.31 3.47 -3.10
CA ARG A 406 -22.03 2.17 -3.70
C ARG A 406 -22.51 1.01 -2.82
N ILE A 407 -22.38 1.10 -1.49
CA ILE A 407 -22.66 -0.04 -0.64
C ILE A 407 -23.97 0.11 0.11
N GLY A 408 -24.85 1.02 -0.34
CA GLY A 408 -26.19 1.17 0.20
C GLY A 408 -26.31 1.77 1.58
N ALA A 409 -25.32 2.51 2.05
CA ALA A 409 -25.41 3.12 3.36
C ALA A 409 -26.13 4.47 3.32
N LYS A 410 -27.14 4.64 4.17
CA LYS A 410 -27.90 5.87 4.23
C LYS A 410 -27.54 6.70 5.47
N LEU A 411 -26.98 7.88 5.24
CA LEU A 411 -26.56 8.77 6.31
C LEU A 411 -27.76 9.47 6.94
N THR A 412 -27.74 9.58 8.27
CA THR A 412 -28.76 10.35 8.97
C THR A 412 -28.35 11.82 8.94
N GLN A 413 -29.32 12.69 8.80
CA GLN A 413 -29.05 14.12 8.84
C GLN A 413 -29.39 14.73 10.20
N LEU A 414 -28.43 15.46 10.77
CA LEU A 414 -28.64 16.19 12.02
C LEU A 414 -29.63 17.32 11.81
N SER A 415 -30.55 17.48 12.77
CA SER A 415 -31.31 18.73 12.93
C SER A 415 -30.41 19.82 13.49
N ASN A 416 -30.87 21.04 13.37
CA ASN A 416 -30.11 22.17 13.87
C ASN A 416 -29.81 21.99 15.34
N GLU A 417 -30.78 21.50 16.08
CA GLU A 417 -30.57 21.45 17.52
C GLU A 417 -29.62 20.34 17.88
N GLN A 418 -29.57 19.31 17.06
CA GLN A 418 -28.64 18.20 17.31
C GLN A 418 -27.22 18.62 16.97
N ALA A 419 -27.04 19.36 15.88
CA ALA A 419 -25.74 19.94 15.56
C ALA A 419 -25.23 20.79 16.71
N ASP A 420 -26.10 21.63 17.29
CA ASP A 420 -25.67 22.51 18.38
C ASP A 420 -25.36 21.69 19.63
N TYR A 421 -26.18 20.67 19.91
CA TYR A 421 -26.05 19.94 21.15
C TYR A 421 -24.67 19.31 21.29
N ILE A 422 -24.08 18.84 20.18
CA ILE A 422 -22.74 18.23 20.21
C ILE A 422 -21.69 19.16 19.62
N GLY A 423 -22.08 20.37 19.20
CA GLY A 423 -21.10 21.39 18.86
C GLY A 423 -20.45 21.27 17.51
N VAL A 424 -21.21 20.85 16.49
CA VAL A 424 -20.64 20.69 15.15
C VAL A 424 -21.55 21.43 14.19
N ASP A 425 -20.98 21.76 13.04
CA ASP A 425 -21.75 22.14 11.88
C ASP A 425 -22.48 20.92 11.32
N LYS A 426 -23.68 21.16 10.76
CA LYS A 426 -24.49 20.06 10.22
C LYS A 426 -23.79 19.34 9.09
N ASN A 427 -22.92 20.05 8.40
CA ASN A 427 -22.23 19.49 7.25
C ASN A 427 -20.82 19.05 7.61
N GLY A 428 -20.47 19.03 8.89
CA GLY A 428 -19.16 18.60 9.30
C GLY A 428 -18.18 19.75 9.38
N PRO A 429 -16.95 19.48 9.88
CA PRO A 429 -16.41 18.16 10.36
C PRO A 429 -17.19 17.70 11.58
N TYR A 430 -17.41 16.39 11.78
CA TYR A 430 -18.26 15.93 12.86
C TYR A 430 -17.51 15.49 14.13
N LYS A 431 -16.18 15.42 14.09
CA LYS A 431 -15.32 14.93 15.17
C LYS A 431 -14.18 15.90 15.40
N PRO A 432 -13.65 15.97 16.61
CA PRO A 432 -12.41 16.71 16.83
C PRO A 432 -11.22 16.09 16.12
N ASP A 433 -10.17 16.91 15.99
CA ASP A 433 -9.01 16.48 15.23
C ASP A 433 -8.38 15.21 15.79
N HIS A 434 -8.43 15.02 17.10
CA HIS A 434 -7.77 13.90 17.74
C HIS A 434 -8.62 12.66 17.85
N TYR A 435 -9.83 12.68 17.30
CA TYR A 435 -10.70 11.51 17.36
C TYR A 435 -10.02 10.32 16.65
N ARG A 436 -10.17 9.13 17.22
CA ARG A 436 -9.46 7.97 16.74
C ARG A 436 -10.31 6.97 15.95
N TYR A 437 -11.62 7.19 15.85
CA TYR A 437 -12.49 6.30 15.12
C TYR A 437 -12.28 4.86 15.55
PA NAD B . 1.38 0.28 12.41
O1A NAD B . 2.47 1.12 12.97
O2A NAD B . -0.01 0.77 12.48
O5B NAD B . 1.43 -1.17 13.07
C5B NAD B . 2.66 -1.93 13.10
C4B NAD B . 2.77 -2.58 14.46
O4B NAD B . 3.99 -3.35 14.55
C3B NAD B . 2.80 -1.63 15.67
O3B NAD B . 1.59 -1.76 16.41
C2B NAD B . 4.08 -2.04 16.42
O2B NAD B . 3.98 -1.96 17.82
C1B NAD B . 4.33 -3.44 15.90
N9A NAD B . 5.72 -3.87 15.99
C8A NAD B . 6.82 -3.12 15.68
N7A NAD B . 7.94 -3.78 15.83
C5A NAD B . 7.55 -5.03 16.28
C6A NAD B . 8.28 -6.17 16.63
N6A NAD B . 9.61 -6.25 16.57
N1A NAD B . 7.58 -7.25 17.04
C2A NAD B . 6.25 -7.18 17.09
N3A NAD B . 5.46 -6.16 16.79
C4A NAD B . 6.18 -5.10 16.38
O3 NAD B . 1.71 -0.06 10.89
PN NAD B . 0.70 -0.57 9.77
O1N NAD B . -0.08 0.59 9.27
O2N NAD B . -0.03 -1.73 10.33
O5D NAD B . 1.70 -1.06 8.65
C5D NAD B . 2.56 -2.19 8.91
C4D NAD B . 3.35 -2.44 7.65
O4D NAD B . 2.42 -2.80 6.62
C3D NAD B . 4.08 -1.21 7.10
O3D NAD B . 5.25 -1.65 6.44
C2D NAD B . 3.06 -0.72 6.08
O2D NAD B . 3.60 0.19 5.15
C1D NAD B . 2.66 -2.04 5.46
N1N NAD B . 1.39 -1.96 4.68
C2N NAD B . 1.14 -2.88 3.71
C3N NAD B . -0.08 -2.94 3.07
C7N NAD B . -0.26 -3.99 2.00
O7N NAD B . -1.21 -3.89 1.23
N7N NAD B . 0.62 -4.96 1.93
C4N NAD B . -1.06 -2.05 3.45
C5N NAD B . -0.77 -1.06 4.36
C6N NAD B . 0.47 -1.02 4.94
N1 XI6 C . -3.22 -1.58 -5.88
C4 XI6 C . -3.05 -2.29 -3.58
C5 XI6 C . -2.17 -1.20 -3.32
C6 XI6 C . -2.49 -2.44 -1.46
C7 XI6 C . -0.90 -0.39 -1.10
C8 XI6 C . 0.42 -1.04 -0.74
C1 XI6 C . -1.81 -0.33 -4.34
C2 XI6 C . -2.38 -0.56 -5.57
C3 XI6 C . -3.59 -2.48 -4.91
O1 XI6 C . -2.15 1.46 0.04
C9 XI6 C . 0.49 -1.09 0.73
C10 XI6 C . -0.59 0.05 1.32
C11 XI6 C . -1.70 0.17 0.15
C12 XI6 C . 1.97 -0.99 1.25
N2 XI6 C . -1.83 -1.28 -1.94
N3 XI6 C . -3.22 -3.04 -2.45
N4 XI6 C . -4.44 -3.48 -5.25
O2 XI6 C . -0.08 1.22 1.74
O3 XI6 C . 2.92 -0.51 0.31
#